data_3PWU
#
_entry.id   3PWU
#
_cell.length_a   47.913
_cell.length_b   72.044
_cell.length_c   120.771
_cell.angle_alpha   90.00
_cell.angle_beta   90.00
_cell.angle_gamma   90.00
#
_symmetry.space_group_name_H-M   'P 21 21 21'
#
loop_
_entity.id
_entity.type
_entity.pdbx_description
1 polymer 'MHC class I antigen'
2 polymer Beta-2-microglobulin
3 polymer 'IPA from Hemagglutinin glycoprotein'
4 water water
#
loop_
_entity_poly.entity_id
_entity_poly.type
_entity_poly.pdbx_seq_one_letter_code
_entity_poly.pdbx_strand_id
1 'polypeptide(L)'
;SHSLRYFYTAVSRPGLGEPRFIAVGYVDDTQFTRFDSDAPNPRDEPRVPWMEQEGPEYWDRNTRIYKDTAQIFRANLNTA
LGYYNQSEAGSHTFQEMYGCYVGPDGRLLLGFMQFAYDGRDYIALNEDLRSWTAADTAAQITKRKWEAAGEAERQRNYLE
GRCVEGLRRYLENGKDTLLRADPPKAHVTHHPISDREVTLRCWALGFYPEEISLTWQHEGEDQTQDMELVETRPSGDGTF
QKWAALVVPSGEEQRYTCRVQHEGLQEPLTLRWE
;
A
2 'polypeptide(L)'
;IQKTPQIQVYSRHPPENGKPNILNCYVTQFHPPHIEIQMLKNGKKIPKVEMSDMSFSKDWSFYILAHTEFTPTETDTYAC
RVKHDSMAEPKTVYWDRDM
;
B
3 'polypeptide(L)' IPAYGVLTI C
#
# COMPACT_ATOMS: atom_id res chain seq x y z
N SER A 1 8.85 12.33 -11.54
CA SER A 1 7.41 12.35 -11.73
C SER A 1 6.66 12.21 -10.41
N HIS A 2 5.61 13.01 -10.24
CA HIS A 2 4.83 13.00 -9.02
C HIS A 2 3.36 12.81 -9.33
N SER A 3 2.58 12.45 -8.32
CA SER A 3 1.18 12.20 -8.55
C SER A 3 0.32 12.48 -7.33
N LEU A 4 -0.93 12.82 -7.59
CA LEU A 4 -1.97 12.87 -6.57
C LEU A 4 -2.99 11.81 -6.94
N ARG A 5 -3.26 10.90 -6.00
CA ARG A 5 -4.15 9.78 -6.27
C ARG A 5 -5.13 9.59 -5.11
N TYR A 6 -6.38 9.31 -5.45
CA TYR A 6 -7.38 8.97 -4.45
C TYR A 6 -7.86 7.54 -4.67
N PHE A 7 -8.05 6.81 -3.56
CA PHE A 7 -8.51 5.44 -3.60
C PHE A 7 -9.79 5.31 -2.79
N TYR A 8 -10.84 4.75 -3.41
CA TYR A 8 -12.12 4.57 -2.76
C TYR A 8 -12.48 3.10 -2.67
N THR A 9 -13.04 2.70 -1.53
CA THR A 9 -13.54 1.35 -1.35
C THR A 9 -14.90 1.38 -0.67
N ALA A 10 -15.90 0.74 -1.27
CA ALA A 10 -17.17 0.52 -0.60
C ALA A 10 -17.41 -0.98 -0.49
N VAL A 11 -17.85 -1.42 0.69
CA VAL A 11 -18.11 -2.82 0.96
C VAL A 11 -19.51 -2.97 1.54
N SER A 12 -20.35 -3.73 0.86
CA SER A 12 -21.71 -3.92 1.37
C SER A 12 -21.71 -4.94 2.51
N ARG A 13 -22.67 -4.80 3.40
CA ARG A 13 -22.78 -5.71 4.54
C ARG A 13 -24.26 -5.98 4.84
N PRO A 14 -24.84 -6.93 4.10
CA PRO A 14 -26.27 -7.22 4.18
C PRO A 14 -26.70 -7.52 5.62
N GLY A 15 -27.84 -6.99 6.02
CA GLY A 15 -28.35 -7.20 7.36
C GLY A 15 -27.57 -6.44 8.42
N LEU A 16 -26.63 -5.62 8.00
CA LEU A 16 -25.80 -4.87 8.95
C LEU A 16 -25.79 -3.37 8.68
N GLY A 17 -26.64 -2.91 7.76
CA GLY A 17 -26.74 -1.49 7.46
C GLY A 17 -26.15 -1.10 6.12
N GLU A 18 -25.85 0.19 5.97
CA GLU A 18 -25.27 0.72 4.73
C GLU A 18 -23.83 0.25 4.53
N PRO A 19 -23.37 0.25 3.28
CA PRO A 19 -21.97 -0.12 2.99
C PRO A 19 -21.00 0.81 3.71
N ARG A 20 -19.85 0.27 4.08
CA ARG A 20 -18.77 1.10 4.60
C ARG A 20 -18.00 1.67 3.43
N PHE A 21 -17.78 2.98 3.46
CA PHE A 21 -17.03 3.66 2.42
C PHE A 21 -15.77 4.26 3.01
N ILE A 22 -14.63 3.97 2.41
CA ILE A 22 -13.35 4.50 2.84
C ILE A 22 -12.65 5.19 1.68
N ALA A 23 -12.19 6.43 1.90
CA ALA A 23 -11.45 7.18 0.90
C ALA A 23 -10.09 7.59 1.45
N VAL A 24 -9.04 7.31 0.69
CA VAL A 24 -7.68 7.60 1.10
C VAL A 24 -6.98 8.43 0.02
N GLY A 25 -6.28 9.48 0.43
CA GLY A 25 -5.56 10.32 -0.49
C GLY A 25 -4.08 10.05 -0.42
N TYR A 26 -3.42 10.13 -1.57
CA TYR A 26 -1.99 9.84 -1.68
C TYR A 26 -1.28 10.92 -2.47
N VAL A 27 -0.21 11.45 -1.92
CA VAL A 27 0.74 12.22 -2.71
C VAL A 27 1.96 11.33 -2.92
N ASP A 28 2.27 11.07 -4.19
CA ASP A 28 3.25 10.04 -4.50
C ASP A 28 2.85 8.85 -3.66
N ASP A 29 3.81 8.24 -2.96
CA ASP A 29 3.54 7.01 -2.23
C ASP A 29 3.16 7.26 -0.78
N THR A 30 2.87 8.52 -0.46
CA THR A 30 2.59 8.88 0.92
C THR A 30 1.10 9.11 1.17
N GLN A 31 0.54 8.37 2.12
CA GLN A 31 -0.88 8.57 2.47
C GLN A 31 -1.03 9.87 3.23
N PHE A 32 -1.85 10.79 2.72
CA PHE A 32 -1.96 12.11 3.35
C PHE A 32 -3.36 12.48 3.87
N THR A 33 -4.39 11.74 3.44
CA THR A 33 -5.73 11.96 3.98
C THR A 33 -6.49 10.64 4.13
N ARG A 34 -7.46 10.63 5.04
CA ARG A 34 -8.37 9.49 5.15
C ARG A 34 -9.77 9.86 5.64
N PHE A 35 -10.77 9.27 5.00
CA PHE A 35 -12.16 9.37 5.42
C PHE A 35 -12.71 7.97 5.55
N ASP A 36 -13.44 7.72 6.63
CA ASP A 36 -14.00 6.41 6.91
C ASP A 36 -15.43 6.60 7.41
N SER A 37 -16.39 6.18 6.59
CA SER A 37 -17.80 6.40 6.91
C SER A 37 -18.22 5.73 8.22
N ASP A 38 -17.42 4.79 8.70
CA ASP A 38 -17.74 4.07 9.93
C ASP A 38 -17.16 4.71 11.20
N ALA A 39 -16.28 5.70 11.02
CA ALA A 39 -15.66 6.35 12.18
C ALA A 39 -16.71 6.95 13.12
N PRO A 40 -16.43 6.94 14.42
CA PRO A 40 -17.30 7.63 15.38
C PRO A 40 -17.66 9.03 14.87
N ASN A 41 -16.70 9.71 14.28
CA ASN A 41 -16.96 11.00 13.65
C ASN A 41 -16.46 10.98 12.21
N PRO A 42 -17.32 10.53 11.28
CA PRO A 42 -16.93 10.37 9.87
C PRO A 42 -16.55 11.70 9.23
N ARG A 43 -15.25 11.93 9.12
CA ARG A 43 -14.74 13.19 8.58
C ARG A 43 -13.40 12.94 7.89
N ASP A 44 -13.14 13.68 6.82
CA ASP A 44 -11.83 13.62 6.18
C ASP A 44 -10.80 14.24 7.12
N GLU A 45 -9.69 13.55 7.29
CA GLU A 45 -8.66 13.99 8.23
C GLU A 45 -7.27 13.84 7.64
N PRO A 46 -6.32 14.67 8.09
CA PRO A 46 -4.92 14.50 7.67
C PRO A 46 -4.33 13.24 8.30
N ARG A 47 -3.40 12.61 7.58
CA ARG A 47 -2.71 11.42 8.08
C ARG A 47 -1.23 11.73 8.05
N VAL A 48 -0.93 13.02 8.03
CA VAL A 48 0.40 13.54 7.79
C VAL A 48 0.50 14.90 8.48
N PRO A 49 1.69 15.27 8.96
CA PRO A 49 1.76 16.52 9.73
C PRO A 49 1.78 17.80 8.88
N TRP A 50 1.97 17.69 7.58
CA TRP A 50 2.19 18.88 6.74
C TRP A 50 0.96 19.40 6.00
N MET A 51 -0.23 19.02 6.43
CA MET A 51 -1.47 19.49 5.82
C MET A 51 -2.15 20.55 6.68
N GLU A 52 -1.40 21.11 7.63
CA GLU A 52 -1.98 21.97 8.67
C GLU A 52 -2.36 23.36 8.17
N GLN A 53 -1.85 23.75 7.00
CA GLN A 53 -2.16 25.06 6.43
C GLN A 53 -3.60 25.20 5.96
N GLU A 54 -4.24 24.07 5.67
CA GLU A 54 -5.62 24.08 5.15
C GLU A 54 -6.60 24.44 6.25
N GLY A 55 -7.64 25.18 5.90
CA GLY A 55 -8.64 25.59 6.87
C GLY A 55 -9.63 24.49 7.21
N PRO A 56 -10.53 24.75 8.17
CA PRO A 56 -11.59 23.80 8.51
C PRO A 56 -12.51 23.58 7.32
N GLU A 57 -12.70 24.60 6.50
CA GLU A 57 -13.56 24.51 5.34
C GLU A 57 -13.04 23.48 4.36
N TYR A 58 -11.72 23.33 4.30
CA TYR A 58 -11.09 22.35 3.43
C TYR A 58 -11.58 20.94 3.78
N TRP A 59 -11.46 20.58 5.06
CA TRP A 59 -11.87 19.25 5.49
C TRP A 59 -13.39 19.06 5.47
N ASP A 60 -14.13 20.11 5.83
CA ASP A 60 -15.59 20.10 5.68
C ASP A 60 -15.98 19.80 4.23
N ARG A 61 -15.35 20.49 3.29
CA ARG A 61 -15.67 20.33 1.87
C ARG A 61 -15.38 18.92 1.39
N ASN A 62 -14.21 18.40 1.77
CA ASN A 62 -13.82 17.03 1.43
C ASN A 62 -14.79 16.03 2.02
N THR A 63 -15.13 16.25 3.28
CA THR A 63 -16.05 15.38 3.98
C THR A 63 -17.37 15.24 3.20
N ARG A 64 -17.94 16.37 2.78
CA ARG A 64 -19.20 16.34 2.05
C ARG A 64 -19.05 15.67 0.69
N ILE A 65 -17.91 15.89 0.03
CA ILE A 65 -17.61 15.20 -1.22
C ILE A 65 -17.66 13.68 -1.01
N TYR A 66 -17.03 13.20 0.05
CA TYR A 66 -16.97 11.76 0.33
C TYR A 66 -18.30 11.20 0.78
N LYS A 67 -19.03 11.96 1.57
CA LYS A 67 -20.37 11.55 1.95
C LYS A 67 -21.27 11.40 0.72
N ASP A 68 -21.21 12.37 -0.19
CA ASP A 68 -21.97 12.28 -1.44
C ASP A 68 -21.54 11.05 -2.24
N THR A 69 -20.24 10.81 -2.30
CA THR A 69 -19.69 9.68 -3.05
C THR A 69 -20.08 8.35 -2.42
N ALA A 70 -20.04 8.29 -1.09
CA ALA A 70 -20.50 7.11 -0.37
C ALA A 70 -21.92 6.73 -0.79
N GLN A 71 -22.79 7.73 -0.92
CA GLN A 71 -24.17 7.47 -1.34
C GLN A 71 -24.20 6.89 -2.75
N ILE A 72 -23.39 7.46 -3.65
CA ILE A 72 -23.28 6.96 -5.00
C ILE A 72 -22.78 5.52 -5.02
N PHE A 73 -21.74 5.23 -4.25
CA PHE A 73 -21.19 3.87 -4.19
C PHE A 73 -22.21 2.85 -3.65
N ARG A 74 -23.02 3.25 -2.69
CA ARG A 74 -24.10 2.39 -2.21
C ARG A 74 -25.05 2.07 -3.36
N ALA A 75 -25.46 3.10 -4.09
CA ALA A 75 -26.31 2.90 -5.25
C ALA A 75 -25.60 2.01 -6.26
N ASN A 76 -24.30 2.19 -6.42
CA ASN A 76 -23.54 1.37 -7.38
C ASN A 76 -23.58 -0.11 -7.02
N LEU A 77 -23.35 -0.42 -5.74
CA LEU A 77 -23.40 -1.80 -5.27
C LEU A 77 -24.80 -2.40 -5.47
N ASN A 78 -25.84 -1.62 -5.22
CA ASN A 78 -27.18 -2.12 -5.43
C ASN A 78 -27.44 -2.38 -6.91
N THR A 79 -27.01 -1.46 -7.75
CA THR A 79 -27.19 -1.59 -9.19
C THR A 79 -26.43 -2.81 -9.71
N ALA A 80 -25.22 -3.01 -9.22
CA ALA A 80 -24.42 -4.15 -9.67
C ALA A 80 -25.14 -5.49 -9.43
N LEU A 81 -25.85 -5.60 -8.31
CA LEU A 81 -26.60 -6.82 -8.00
C LEU A 81 -27.60 -7.12 -9.11
N GLY A 82 -28.25 -6.07 -9.62
CA GLY A 82 -29.16 -6.21 -10.73
C GLY A 82 -28.43 -6.64 -12.00
N TYR A 83 -27.35 -5.94 -12.33
CA TYR A 83 -26.60 -6.21 -13.55
C TYR A 83 -26.09 -7.65 -13.62
N TYR A 84 -25.71 -8.18 -12.47
CA TYR A 84 -25.11 -9.52 -12.40
C TYR A 84 -26.07 -10.54 -11.82
N ASN A 85 -27.31 -10.13 -11.56
CA ASN A 85 -28.31 -11.02 -10.96
C ASN A 85 -27.78 -11.74 -9.73
N GLN A 86 -27.23 -10.98 -8.79
CA GLN A 86 -26.68 -11.56 -7.59
C GLN A 86 -27.62 -11.35 -6.41
N SER A 87 -27.43 -12.17 -5.38
CA SER A 87 -28.27 -12.14 -4.19
C SER A 87 -27.97 -10.94 -3.31
N GLU A 88 -28.98 -10.47 -2.59
CA GLU A 88 -28.79 -9.40 -1.62
C GLU A 88 -28.06 -9.94 -0.38
N ALA A 89 -27.79 -11.24 -0.37
CA ALA A 89 -27.27 -11.91 0.81
C ALA A 89 -25.76 -11.75 1.04
N GLY A 90 -24.99 -11.64 -0.03
CA GLY A 90 -23.55 -11.61 0.10
C GLY A 90 -22.94 -10.23 0.10
N SER A 91 -21.75 -10.11 0.68
CA SER A 91 -20.97 -8.89 0.63
C SER A 91 -20.28 -8.74 -0.72
N HIS A 92 -20.27 -7.50 -1.24
CA HIS A 92 -19.55 -7.20 -2.46
C HIS A 92 -18.77 -5.91 -2.30
N THR A 93 -17.78 -5.71 -3.16
CA THR A 93 -16.92 -4.55 -3.07
C THR A 93 -16.98 -3.74 -4.36
N PHE A 94 -16.87 -2.43 -4.23
CA PHE A 94 -16.75 -1.56 -5.36
C PHE A 94 -15.62 -0.58 -5.08
N GLN A 95 -14.65 -0.50 -5.99
CA GLN A 95 -13.46 0.32 -5.78
C GLN A 95 -13.23 1.28 -6.91
N GLU A 96 -12.61 2.41 -6.58
CA GLU A 96 -12.18 3.37 -7.59
C GLU A 96 -10.79 3.86 -7.21
N MET A 97 -9.92 3.97 -8.21
CA MET A 97 -8.71 4.77 -8.05
C MET A 97 -8.59 5.74 -9.22
N TYR A 98 -8.23 6.98 -8.91
CA TYR A 98 -8.09 8.00 -9.94
C TYR A 98 -7.04 8.99 -9.51
N GLY A 99 -6.55 9.77 -10.46
CA GLY A 99 -5.56 10.78 -10.14
C GLY A 99 -4.74 11.21 -11.34
N CYS A 100 -3.70 11.97 -11.05
CA CYS A 100 -2.94 12.63 -12.10
C CYS A 100 -1.45 12.50 -11.82
N TYR A 101 -0.70 12.13 -12.87
CA TYR A 101 0.75 12.17 -12.83
C TYR A 101 1.18 13.40 -13.59
N VAL A 102 2.08 14.19 -13.02
CA VAL A 102 2.47 15.46 -13.62
C VAL A 102 3.89 15.40 -14.17
N GLY A 103 4.09 15.93 -15.37
CA GLY A 103 5.41 15.98 -15.97
C GLY A 103 6.21 17.16 -15.46
N PRO A 104 7.53 17.13 -15.67
CA PRO A 104 8.40 18.23 -15.24
C PRO A 104 8.02 19.57 -15.88
N ASP A 105 7.21 19.54 -16.94
CA ASP A 105 6.71 20.77 -17.54
C ASP A 105 5.54 21.34 -16.74
N GLY A 106 5.22 20.68 -15.62
CA GLY A 106 4.18 21.14 -14.73
C GLY A 106 2.77 20.87 -15.22
N ARG A 107 2.65 20.01 -16.22
CA ARG A 107 1.34 19.70 -16.78
C ARG A 107 1.06 18.20 -16.81
N LEU A 108 -0.21 17.85 -16.96
CA LEU A 108 -0.66 16.46 -16.91
C LEU A 108 0.18 15.56 -17.83
N LEU A 109 0.74 14.51 -17.25
CA LEU A 109 1.47 13.49 -18.02
C LEU A 109 0.52 12.32 -18.27
N LEU A 110 -0.21 11.92 -17.22
CA LEU A 110 -1.17 10.84 -17.32
C LEU A 110 -2.28 11.02 -16.30
N GLY A 111 -3.52 11.13 -16.78
CA GLY A 111 -4.68 11.09 -15.91
C GLY A 111 -5.31 9.71 -16.04
N PHE A 112 -5.86 9.21 -14.94
CA PHE A 112 -6.49 7.90 -14.95
C PHE A 112 -7.69 7.90 -13.99
N MET A 113 -8.61 6.97 -14.21
CA MET A 113 -9.79 6.83 -13.37
C MET A 113 -10.40 5.47 -13.63
N GLN A 114 -10.17 4.53 -12.72
CA GLN A 114 -10.55 3.14 -12.93
C GLN A 114 -11.51 2.67 -11.85
N PHE A 115 -12.40 1.77 -12.22
CA PHE A 115 -13.35 1.20 -11.26
C PHE A 115 -13.27 -0.31 -11.29
N ALA A 116 -13.48 -0.93 -10.13
CA ALA A 116 -13.51 -2.38 -10.03
C ALA A 116 -14.69 -2.86 -9.20
N TYR A 117 -15.31 -3.94 -9.64
CA TYR A 117 -16.36 -4.61 -8.85
C TYR A 117 -15.84 -5.96 -8.39
N ASP A 118 -15.96 -6.23 -7.09
CA ASP A 118 -15.43 -7.45 -6.51
C ASP A 118 -13.99 -7.74 -6.95
N GLY A 119 -13.15 -6.70 -6.95
CA GLY A 119 -11.72 -6.86 -7.17
C GLY A 119 -11.27 -7.09 -8.60
N ARG A 120 -12.17 -6.85 -9.56
CA ARG A 120 -11.86 -7.03 -10.96
C ARG A 120 -12.23 -5.79 -11.75
N ASP A 121 -11.45 -5.49 -12.78
CA ASP A 121 -11.72 -4.36 -13.66
C ASP A 121 -13.19 -4.32 -14.04
N TYR A 122 -13.79 -3.14 -13.89
CA TYR A 122 -15.17 -2.94 -14.33
C TYR A 122 -15.19 -1.95 -15.50
N ILE A 123 -14.80 -0.71 -15.24
CA ILE A 123 -14.73 0.29 -16.29
C ILE A 123 -13.60 1.27 -15.99
N ALA A 124 -12.98 1.81 -17.04
CA ALA A 124 -11.87 2.74 -16.85
C ALA A 124 -11.86 3.83 -17.90
N LEU A 125 -11.38 5.01 -17.50
CA LEU A 125 -11.20 6.12 -18.41
C LEU A 125 -9.89 5.95 -19.20
N ASN A 126 -10.01 5.89 -20.52
CA ASN A 126 -8.83 5.73 -21.36
C ASN A 126 -7.87 6.90 -21.23
N GLU A 127 -6.65 6.71 -21.73
CA GLU A 127 -5.61 7.73 -21.63
C GLU A 127 -5.98 9.06 -22.29
N ASP A 128 -6.82 9.01 -23.32
CA ASP A 128 -7.21 10.24 -23.99
C ASP A 128 -8.25 11.01 -23.18
N LEU A 129 -8.73 10.40 -22.11
CA LEU A 129 -9.63 11.06 -21.16
C LEU A 129 -10.95 11.48 -21.82
N ARG A 130 -11.31 10.78 -22.90
CA ARG A 130 -12.49 11.12 -23.68
C ARG A 130 -13.30 9.89 -24.01
N SER A 131 -12.86 8.73 -23.52
CA SER A 131 -13.49 7.47 -23.84
C SER A 131 -13.29 6.46 -22.71
N TRP A 132 -14.15 5.44 -22.68
CA TRP A 132 -14.10 4.45 -21.62
C TRP A 132 -13.83 3.04 -22.16
N THR A 133 -13.18 2.22 -21.35
CA THR A 133 -13.06 0.79 -21.62
C THR A 133 -13.90 -0.01 -20.62
N ALA A 134 -14.88 -0.75 -21.15
CA ALA A 134 -15.76 -1.59 -20.33
C ALA A 134 -15.22 -3.00 -20.30
N ALA A 135 -15.17 -3.60 -19.12
CA ALA A 135 -14.49 -4.88 -18.96
C ALA A 135 -15.40 -6.07 -19.26
N ASP A 136 -16.71 -5.87 -19.18
CA ASP A 136 -17.67 -6.94 -19.42
C ASP A 136 -19.00 -6.38 -19.88
N THR A 137 -20.00 -7.24 -20.04
CA THR A 137 -21.27 -6.80 -20.61
C THR A 137 -22.05 -5.87 -19.66
N ALA A 138 -21.91 -6.09 -18.35
CA ALA A 138 -22.53 -5.19 -17.38
C ALA A 138 -21.94 -3.78 -17.51
N ALA A 139 -20.61 -3.71 -17.54
CA ALA A 139 -19.93 -2.42 -17.65
C ALA A 139 -20.23 -1.71 -18.97
N GLN A 140 -20.68 -2.46 -19.97
CA GLN A 140 -21.07 -1.86 -21.25
C GLN A 140 -22.36 -1.06 -21.09
N ILE A 141 -23.23 -1.48 -20.19
CA ILE A 141 -24.41 -0.70 -19.86
C ILE A 141 -23.99 0.63 -19.25
N THR A 142 -23.07 0.58 -18.29
CA THR A 142 -22.53 1.77 -17.67
C THR A 142 -21.86 2.67 -18.70
N LYS A 143 -21.08 2.06 -19.59
CA LYS A 143 -20.39 2.82 -20.63
C LYS A 143 -21.39 3.62 -21.48
N ARG A 144 -22.43 2.96 -21.96
CA ARG A 144 -23.47 3.64 -22.73
C ARG A 144 -24.02 4.81 -21.93
N LYS A 145 -24.27 4.57 -20.65
CA LYS A 145 -24.92 5.54 -19.79
C LYS A 145 -24.04 6.77 -19.58
N TRP A 146 -22.77 6.53 -19.32
CA TRP A 146 -21.82 7.61 -19.06
C TRP A 146 -21.49 8.37 -20.34
N GLU A 147 -21.59 7.69 -21.47
CA GLU A 147 -21.39 8.33 -22.76
C GLU A 147 -22.53 9.29 -23.06
N ALA A 148 -23.76 8.84 -22.85
CA ALA A 148 -24.94 9.69 -23.02
C ALA A 148 -24.91 10.89 -22.09
N ALA A 149 -24.41 10.70 -20.88
CA ALA A 149 -24.41 11.77 -19.88
C ALA A 149 -23.25 12.75 -20.06
N GLY A 150 -22.28 12.38 -20.89
CA GLY A 150 -21.12 13.22 -21.10
C GLY A 150 -20.19 13.27 -19.89
N GLU A 151 -20.13 12.16 -19.15
CA GLU A 151 -19.35 12.08 -17.93
C GLU A 151 -17.86 12.32 -18.14
N ALA A 152 -17.32 11.78 -19.22
CA ALA A 152 -15.90 11.87 -19.49
C ALA A 152 -15.35 13.29 -19.38
N GLU A 153 -16.05 14.24 -19.99
CA GLU A 153 -15.58 15.62 -20.04
C GLU A 153 -15.31 16.19 -18.65
N ARG A 154 -16.24 15.97 -17.73
CA ARG A 154 -16.10 16.48 -16.38
C ARG A 154 -14.92 15.85 -15.64
N GLN A 155 -14.66 14.57 -15.89
CA GLN A 155 -13.53 13.91 -15.25
C GLN A 155 -12.22 14.44 -15.82
N ARG A 156 -12.18 14.64 -17.14
CA ARG A 156 -10.98 15.17 -17.77
C ARG A 156 -10.68 16.55 -17.22
N ASN A 157 -11.69 17.41 -17.15
CA ASN A 157 -11.50 18.73 -16.59
C ASN A 157 -10.90 18.67 -15.19
N TYR A 158 -11.37 17.73 -14.37
CA TYR A 158 -10.80 17.55 -13.04
C TYR A 158 -9.33 17.10 -13.13
N LEU A 159 -9.09 16.04 -13.88
CA LEU A 159 -7.75 15.48 -13.96
C LEU A 159 -6.72 16.49 -14.50
N GLU A 160 -7.13 17.29 -15.48
CA GLU A 160 -6.23 18.27 -16.08
C GLU A 160 -6.08 19.54 -15.24
N GLY A 161 -7.10 19.86 -14.45
CA GLY A 161 -7.11 21.10 -13.69
C GLY A 161 -6.90 20.95 -12.19
N ARG A 162 -8.01 20.79 -11.46
CA ARG A 162 -7.97 20.70 -10.01
C ARG A 162 -6.95 19.67 -9.49
N CYS A 163 -6.91 18.51 -10.13
CA CYS A 163 -5.99 17.47 -9.68
C CYS A 163 -4.55 17.96 -9.76
N VAL A 164 -4.21 18.60 -10.88
CA VAL A 164 -2.86 19.11 -11.10
C VAL A 164 -2.51 20.24 -10.14
N GLU A 165 -3.45 21.17 -9.96
CA GLU A 165 -3.28 22.28 -9.02
C GLU A 165 -3.07 21.76 -7.61
N GLY A 166 -3.87 20.77 -7.22
CA GLY A 166 -3.73 20.17 -5.91
C GLY A 166 -2.38 19.55 -5.68
N LEU A 167 -1.93 18.71 -6.61
CA LEU A 167 -0.62 18.09 -6.51
C LEU A 167 0.47 19.13 -6.26
N ARG A 168 0.48 20.15 -7.10
CA ARG A 168 1.44 21.26 -7.00
C ARG A 168 1.45 21.82 -5.58
N ARG A 169 0.26 22.11 -5.06
CA ARG A 169 0.12 22.69 -3.73
C ARG A 169 0.60 21.76 -2.63
N TYR A 170 0.15 20.51 -2.64
CA TYR A 170 0.50 19.56 -1.59
C TYR A 170 1.99 19.22 -1.62
N LEU A 171 2.54 19.09 -2.81
CA LEU A 171 3.97 18.82 -2.96
C LEU A 171 4.76 19.96 -2.34
N GLU A 172 4.36 21.18 -2.65
CA GLU A 172 4.98 22.37 -2.07
C GLU A 172 4.86 22.35 -0.54
N ASN A 173 3.67 22.08 -0.05
CA ASN A 173 3.42 22.11 1.40
C ASN A 173 4.11 20.98 2.18
N GLY A 174 4.25 19.82 1.56
CA GLY A 174 4.88 18.68 2.21
C GLY A 174 6.34 18.50 1.82
N LYS A 175 6.82 19.45 1.03
CA LYS A 175 8.19 19.45 0.49
C LYS A 175 9.25 18.88 1.43
N ASP A 176 9.30 19.38 2.66
CA ASP A 176 10.36 19.01 3.60
C ASP A 176 10.45 17.51 3.90
N THR A 177 9.32 16.81 3.83
CA THR A 177 9.34 15.38 4.08
C THR A 177 9.12 14.54 2.82
N LEU A 178 8.26 15.02 1.93
CA LEU A 178 7.97 14.30 0.69
C LEU A 178 9.20 14.17 -0.20
N LEU A 179 10.00 15.23 -0.26
CA LEU A 179 11.09 15.30 -1.21
C LEU A 179 12.45 15.03 -0.55
N ARG A 180 12.42 14.64 0.71
CA ARG A 180 13.64 14.34 1.44
C ARG A 180 14.22 13.03 0.93
N ALA A 181 15.47 12.76 1.28
CA ALA A 181 16.05 11.46 1.04
C ALA A 181 16.81 11.03 2.29
N ASP A 182 16.30 10.01 2.97
CA ASP A 182 17.00 9.44 4.12
C ASP A 182 17.78 8.25 3.62
N PRO A 183 19.12 8.28 3.77
CA PRO A 183 19.91 7.15 3.27
C PRO A 183 19.64 5.90 4.10
N PRO A 184 19.84 4.72 3.49
CA PRO A 184 19.67 3.47 4.22
C PRO A 184 20.78 3.32 5.25
N LYS A 185 20.45 2.68 6.38
CA LYS A 185 21.46 2.18 7.29
C LYS A 185 21.61 0.73 6.91
N ALA A 186 22.76 0.39 6.35
CA ALA A 186 22.94 -0.93 5.78
C ALA A 186 24.07 -1.70 6.48
N HIS A 187 23.92 -3.02 6.54
CA HIS A 187 24.96 -3.88 7.11
C HIS A 187 24.78 -5.29 6.59
N VAL A 188 25.79 -6.13 6.84
CA VAL A 188 25.72 -7.51 6.39
C VAL A 188 25.67 -8.45 7.59
N THR A 189 24.77 -9.44 7.54
CA THR A 189 24.75 -10.50 8.53
C THR A 189 25.17 -11.83 7.93
N HIS A 190 25.51 -12.78 8.80
CA HIS A 190 26.08 -14.06 8.40
C HIS A 190 25.37 -15.22 9.11
N HIS A 191 24.82 -16.15 8.36
CA HIS A 191 24.06 -17.26 8.95
C HIS A 191 24.44 -18.60 8.34
N PRO A 192 25.01 -19.49 9.16
CA PRO A 192 25.42 -20.82 8.69
C PRO A 192 24.22 -21.64 8.22
N ILE A 193 24.37 -22.32 7.08
CA ILE A 193 23.34 -23.22 6.58
C ILE A 193 23.78 -24.64 6.88
N SER A 194 25.06 -24.91 6.63
CA SER A 194 25.62 -26.23 6.85
C SER A 194 27.13 -26.15 6.95
N ASP A 195 27.76 -27.31 6.82
CA ASP A 195 29.20 -27.42 6.83
C ASP A 195 29.81 -26.70 5.61
N ARG A 196 29.10 -26.75 4.49
CA ARG A 196 29.62 -26.26 3.23
C ARG A 196 29.16 -24.85 2.85
N GLU A 197 27.96 -24.47 3.28
CA GLU A 197 27.36 -23.21 2.83
C GLU A 197 26.92 -22.30 3.98
N VAL A 198 26.91 -21.00 3.71
CA VAL A 198 26.36 -20.02 4.64
C VAL A 198 25.54 -18.98 3.89
N THR A 199 24.66 -18.31 4.61
CA THR A 199 23.86 -17.24 4.01
C THR A 199 24.46 -15.89 4.40
N LEU A 200 24.71 -15.06 3.39
CA LEU A 200 25.09 -13.68 3.62
C LEU A 200 23.86 -12.84 3.34
N ARG A 201 23.49 -11.99 4.29
CA ARG A 201 22.28 -11.17 4.14
C ARG A 201 22.63 -9.70 4.19
N CYS A 202 22.27 -8.97 3.14
CA CYS A 202 22.57 -7.55 3.03
C CYS A 202 21.34 -6.74 3.40
N TRP A 203 21.38 -6.08 4.54
CA TRP A 203 20.23 -5.36 5.10
C TRP A 203 20.28 -3.87 4.76
N ALA A 204 19.11 -3.28 4.52
CA ALA A 204 18.99 -1.83 4.43
C ALA A 204 17.74 -1.38 5.16
N LEU A 205 17.91 -0.51 6.15
CA LEU A 205 16.81 -0.07 6.97
C LEU A 205 16.71 1.45 7.04
N GLY A 206 15.50 1.94 7.31
CA GLY A 206 15.28 3.35 7.61
C GLY A 206 15.49 4.29 6.45
N PHE A 207 15.28 3.80 5.24
CA PHE A 207 15.52 4.62 4.05
C PHE A 207 14.22 5.17 3.46
N TYR A 208 14.34 6.31 2.77
CA TYR A 208 13.23 6.94 2.07
C TYR A 208 13.79 7.81 0.94
N PRO A 209 13.21 7.74 -0.26
CA PRO A 209 12.02 6.98 -0.65
C PRO A 209 12.29 5.49 -0.79
N GLU A 210 11.27 4.74 -1.22
CA GLU A 210 11.35 3.29 -1.14
C GLU A 210 12.19 2.62 -2.20
N GLU A 211 12.44 3.31 -3.32
CA GLU A 211 13.29 2.75 -4.36
C GLU A 211 14.71 2.57 -3.84
N ILE A 212 15.25 1.36 -4.00
CA ILE A 212 16.59 1.06 -3.54
C ILE A 212 17.18 -0.07 -4.39
N SER A 213 18.50 -0.08 -4.51
CA SER A 213 19.19 -1.16 -5.21
C SER A 213 20.14 -1.87 -4.26
N LEU A 214 19.95 -3.19 -4.12
CA LEU A 214 20.84 -4.02 -3.33
C LEU A 214 21.33 -5.11 -4.27
N THR A 215 22.64 -5.14 -4.49
CA THR A 215 23.21 -6.04 -5.49
C THR A 215 24.40 -6.82 -4.95
N TRP A 216 24.25 -8.13 -4.84
CA TRP A 216 25.37 -8.98 -4.47
C TRP A 216 26.30 -9.20 -5.67
N GLN A 217 27.60 -9.22 -5.39
CA GLN A 217 28.61 -9.38 -6.42
C GLN A 217 29.60 -10.45 -5.98
N HIS A 218 30.16 -11.16 -6.95
CA HIS A 218 31.27 -12.07 -6.66
C HIS A 218 32.50 -11.55 -7.39
N GLU A 219 33.49 -11.12 -6.62
CA GLU A 219 34.70 -10.54 -7.18
C GLU A 219 34.41 -9.56 -8.32
N GLY A 220 33.52 -8.62 -8.03
CA GLY A 220 33.19 -7.55 -8.97
C GLY A 220 32.07 -7.87 -9.94
N GLU A 221 31.73 -9.15 -10.08
CA GLU A 221 30.70 -9.54 -11.03
C GLU A 221 29.30 -9.55 -10.44
N ASP A 222 28.39 -8.89 -11.14
CA ASP A 222 26.99 -8.77 -10.75
C ASP A 222 26.29 -10.13 -10.65
N GLN A 223 25.80 -10.46 -9.46
CA GLN A 223 25.13 -11.74 -9.22
C GLN A 223 23.62 -11.62 -9.01
N THR A 224 23.01 -10.62 -9.64
CA THR A 224 21.56 -10.40 -9.52
C THR A 224 20.71 -11.52 -10.14
N GLN A 225 21.20 -12.75 -10.10
CA GLN A 225 20.39 -13.87 -10.59
C GLN A 225 20.20 -14.92 -9.51
N ASP A 226 21.12 -14.96 -8.56
CA ASP A 226 21.06 -15.97 -7.50
C ASP A 226 20.70 -15.37 -6.15
N MET A 227 20.37 -14.08 -6.13
CA MET A 227 19.97 -13.40 -4.89
C MET A 227 18.60 -13.87 -4.44
N GLU A 228 18.39 -13.93 -3.13
CA GLU A 228 17.05 -14.07 -2.57
C GLU A 228 16.62 -12.72 -2.01
N LEU A 229 15.44 -12.28 -2.41
CA LEU A 229 14.98 -10.95 -2.03
C LEU A 229 13.68 -11.01 -1.25
N VAL A 230 13.47 -9.98 -0.43
CA VAL A 230 12.14 -9.72 0.10
C VAL A 230 11.61 -8.46 -0.57
N GLU A 231 10.29 -8.42 -0.77
CA GLU A 231 9.65 -7.20 -1.21
C GLU A 231 9.92 -6.10 -0.20
N THR A 232 10.29 -4.92 -0.67
CA THR A 232 10.54 -3.80 0.22
C THR A 232 9.32 -3.63 1.12
N ARG A 233 9.56 -3.38 2.39
CA ARG A 233 8.45 -3.33 3.33
C ARG A 233 8.52 -2.09 4.22
N PRO A 234 7.36 -1.60 4.64
CA PRO A 234 7.29 -0.38 5.47
C PRO A 234 7.82 -0.64 6.87
N SER A 235 8.62 0.29 7.37
CA SER A 235 9.16 0.20 8.73
C SER A 235 8.09 0.57 9.75
N GLY A 236 7.08 1.32 9.30
CA GLY A 236 6.01 1.75 10.19
C GLY A 236 6.13 3.20 10.61
N ASP A 237 7.31 3.78 10.40
CA ASP A 237 7.56 5.16 10.77
C ASP A 237 7.72 6.07 9.55
N GLY A 238 7.31 5.56 8.38
CA GLY A 238 7.43 6.33 7.16
C GLY A 238 8.64 5.93 6.32
N THR A 239 9.57 5.18 6.91
CA THR A 239 10.72 4.70 6.16
C THR A 239 10.49 3.25 5.71
N PHE A 240 11.45 2.71 4.98
CA PHE A 240 11.32 1.37 4.42
C PHE A 240 12.52 0.53 4.76
N GLN A 241 12.38 -0.78 4.59
CA GLN A 241 13.52 -1.67 4.76
C GLN A 241 13.44 -2.83 3.79
N LYS A 242 14.58 -3.50 3.60
CA LYS A 242 14.67 -4.55 2.61
C LYS A 242 15.96 -5.28 2.86
N TRP A 243 16.01 -6.53 2.42
CA TRP A 243 17.28 -7.23 2.40
C TRP A 243 17.41 -8.10 1.16
N ALA A 244 18.66 -8.42 0.82
CA ALA A 244 18.97 -9.30 -0.29
C ALA A 244 19.99 -10.31 0.22
N ALA A 245 19.76 -11.58 -0.06
CA ALA A 245 20.62 -12.62 0.49
C ALA A 245 21.28 -13.46 -0.60
N LEU A 246 22.47 -13.96 -0.31
CA LEU A 246 23.16 -14.86 -1.22
C LEU A 246 23.68 -16.07 -0.46
N VAL A 247 23.58 -17.25 -1.07
CA VAL A 247 24.14 -18.45 -0.46
C VAL A 247 25.55 -18.66 -1.02
N VAL A 248 26.55 -18.67 -0.15
CA VAL A 248 27.94 -18.82 -0.57
C VAL A 248 28.68 -19.93 0.16
N PRO A 249 29.74 -20.47 -0.47
CA PRO A 249 30.53 -21.53 0.17
C PRO A 249 31.19 -21.07 1.46
N SER A 250 31.10 -21.90 2.50
CA SER A 250 31.75 -21.62 3.77
C SER A 250 33.25 -21.43 3.55
N GLY A 251 33.80 -20.35 4.11
CA GLY A 251 35.21 -20.06 3.94
C GLY A 251 35.55 -19.19 2.74
N GLU A 252 34.53 -18.83 1.96
CA GLU A 252 34.74 -18.00 0.77
C GLU A 252 33.91 -16.70 0.82
N GLU A 253 33.44 -16.36 2.02
CA GLU A 253 32.64 -15.15 2.21
C GLU A 253 33.35 -13.90 1.73
N GLN A 254 34.67 -13.89 1.85
CA GLN A 254 35.46 -12.71 1.50
C GLN A 254 35.47 -12.40 0.01
N ARG A 255 34.89 -13.27 -0.80
CA ARG A 255 34.93 -13.07 -2.25
C ARG A 255 33.73 -12.27 -2.75
N TYR A 256 32.83 -11.95 -1.84
CA TYR A 256 31.54 -11.34 -2.21
C TYR A 256 31.37 -9.96 -1.61
N THR A 257 30.66 -9.10 -2.33
CA THR A 257 30.35 -7.76 -1.83
C THR A 257 28.89 -7.45 -2.09
N CYS A 258 28.31 -6.61 -1.24
CA CYS A 258 26.96 -6.13 -1.46
C CYS A 258 27.01 -4.65 -1.81
N ARG A 259 26.47 -4.31 -2.98
CA ARG A 259 26.42 -2.93 -3.41
C ARG A 259 25.07 -2.32 -3.08
N VAL A 260 25.10 -1.25 -2.29
CA VAL A 260 23.88 -0.57 -1.87
C VAL A 260 23.82 0.80 -2.52
N GLN A 261 22.72 1.07 -3.23
CA GLN A 261 22.54 2.36 -3.87
C GLN A 261 21.18 2.94 -3.57
N HIS A 262 21.16 4.23 -3.28
CA HIS A 262 19.93 4.92 -2.91
C HIS A 262 20.12 6.42 -3.02
N GLU A 263 19.04 7.13 -3.36
CA GLU A 263 19.04 8.59 -3.48
C GLU A 263 19.78 9.32 -2.37
N GLY A 264 19.68 8.82 -1.14
CA GLY A 264 20.22 9.53 0.00
C GLY A 264 21.70 9.30 0.29
N LEU A 265 22.33 8.52 -0.55
CA LEU A 265 23.75 8.30 -0.48
C LEU A 265 24.53 9.39 -1.27
N GLN A 266 25.06 9.10 -2.44
CA GLN A 266 25.94 9.99 -3.24
C GLN A 266 26.61 9.16 -4.28
N GLU A 267 27.14 8.05 -3.80
CA GLU A 267 27.81 7.03 -4.58
C GLU A 267 27.49 5.73 -3.91
N PRO A 268 27.61 4.66 -4.63
CA PRO A 268 27.29 3.37 -4.01
C PRO A 268 28.07 3.11 -2.73
N LEU A 269 27.46 2.34 -1.84
CA LEU A 269 28.12 1.85 -0.64
C LEU A 269 28.46 0.40 -0.93
N THR A 270 29.71 0.01 -0.69
CA THR A 270 30.09 -1.38 -0.90
C THR A 270 30.41 -2.09 0.42
N LEU A 271 29.63 -3.12 0.72
CA LEU A 271 29.75 -3.81 1.99
C LEU A 271 30.23 -5.23 1.78
N ARG A 272 30.77 -5.82 2.84
CA ARG A 272 31.22 -7.20 2.77
C ARG A 272 31.28 -7.81 4.17
N TRP A 273 31.16 -9.13 4.22
CA TRP A 273 31.31 -9.84 5.48
C TRP A 273 32.80 -10.01 5.77
N GLU A 274 33.24 -9.38 6.86
CA GLU A 274 34.64 -9.46 7.27
C GLU A 274 34.74 -9.11 8.76
N ILE B 1 -11.55 -12.82 -7.54
CA ILE B 1 -12.64 -13.16 -6.63
C ILE B 1 -12.14 -13.54 -5.23
N GLN B 2 -11.06 -14.32 -5.17
CA GLN B 2 -10.40 -14.63 -3.90
C GLN B 2 -8.87 -14.68 -4.02
N LYS B 3 -8.20 -13.72 -3.37
CA LYS B 3 -6.74 -13.64 -3.39
C LYS B 3 -6.16 -13.91 -2.01
N THR B 4 -5.13 -14.75 -1.96
CA THR B 4 -4.55 -15.22 -0.70
C THR B 4 -3.52 -14.25 -0.13
N PRO B 5 -3.67 -13.88 1.15
CA PRO B 5 -2.79 -12.89 1.77
C PRO B 5 -1.34 -13.37 1.86
N GLN B 6 -0.39 -12.50 1.51
CA GLN B 6 1.02 -12.79 1.71
C GLN B 6 1.47 -12.11 2.99
N ILE B 7 2.36 -12.75 3.73
CA ILE B 7 2.71 -12.27 5.07
C ILE B 7 4.22 -12.12 5.28
N GLN B 8 4.63 -10.96 5.79
CA GLN B 8 6.00 -10.76 6.27
C GLN B 8 5.97 -10.30 7.73
N VAL B 9 6.81 -10.91 8.56
CA VAL B 9 6.93 -10.52 9.96
C VAL B 9 8.38 -10.09 10.23
N TYR B 10 8.54 -8.87 10.74
CA TYR B 10 9.88 -8.30 10.90
C TYR B 10 9.84 -7.16 11.90
N SER B 11 10.97 -6.92 12.55
CA SER B 11 11.09 -5.80 13.47
C SER B 11 11.42 -4.51 12.73
N ARG B 12 11.05 -3.38 13.32
CA ARG B 12 11.36 -2.09 12.72
C ARG B 12 12.85 -1.81 12.75
N HIS B 13 13.50 -2.12 13.87
CA HIS B 13 14.94 -1.94 14.03
C HIS B 13 15.58 -3.29 14.29
N PRO B 14 16.88 -3.42 14.00
CA PRO B 14 17.59 -4.65 14.33
C PRO B 14 17.35 -5.00 15.79
N PRO B 15 17.02 -6.26 16.08
CA PRO B 15 16.67 -6.65 17.45
C PRO B 15 17.89 -6.66 18.36
N GLU B 16 17.78 -6.02 19.52
CA GLU B 16 18.79 -6.10 20.55
C GLU B 16 18.04 -6.49 21.82
N ASN B 17 18.36 -7.65 22.36
CA ASN B 17 17.70 -8.12 23.57
C ASN B 17 17.67 -7.05 24.66
N GLY B 18 16.48 -6.82 25.22
CA GLY B 18 16.31 -5.84 26.26
C GLY B 18 16.03 -4.43 25.75
N LYS B 19 16.20 -4.22 24.45
CA LYS B 19 15.92 -2.90 23.87
C LYS B 19 14.54 -2.85 23.21
N PRO B 20 13.74 -1.84 23.59
CA PRO B 20 12.38 -1.70 23.03
C PRO B 20 12.41 -1.59 21.51
N ASN B 21 11.44 -2.20 20.86
CA ASN B 21 11.39 -2.29 19.41
C ASN B 21 9.94 -2.32 18.97
N ILE B 22 9.71 -2.46 17.67
CA ILE B 22 8.35 -2.61 17.13
C ILE B 22 8.33 -3.83 16.24
N LEU B 23 7.31 -4.66 16.39
CA LEU B 23 7.18 -5.84 15.55
C LEU B 23 6.11 -5.61 14.52
N ASN B 24 6.45 -5.83 13.26
CA ASN B 24 5.53 -5.62 12.15
C ASN B 24 5.00 -6.91 11.56
N CYS B 25 3.73 -6.88 11.18
CA CYS B 25 3.17 -7.95 10.39
C CYS B 25 2.49 -7.33 9.18
N TYR B 26 3.13 -7.49 8.03
CA TYR B 26 2.74 -6.80 6.80
C TYR B 26 1.99 -7.77 5.91
N VAL B 27 0.70 -7.51 5.72
CA VAL B 27 -0.15 -8.46 5.02
C VAL B 27 -0.67 -7.84 3.73
N THR B 28 -0.45 -8.53 2.62
CA THR B 28 -0.64 -7.92 1.31
C THR B 28 -1.35 -8.85 0.32
N GLN B 29 -1.85 -8.27 -0.76
CA GLN B 29 -2.37 -9.03 -1.90
C GLN B 29 -3.57 -9.90 -1.60
N PHE B 30 -4.48 -9.42 -0.76
CA PHE B 30 -5.67 -10.21 -0.47
C PHE B 30 -6.94 -9.56 -0.98
N HIS B 31 -7.96 -10.39 -1.15
CA HIS B 31 -9.31 -9.96 -1.47
C HIS B 31 -10.22 -11.15 -1.16
N PRO B 32 -11.39 -10.91 -0.55
CA PRO B 32 -11.97 -9.60 -0.19
C PRO B 32 -11.23 -8.90 0.95
N PRO B 33 -11.59 -7.63 1.20
CA PRO B 33 -10.89 -6.81 2.20
C PRO B 33 -11.06 -7.30 3.64
N HIS B 34 -12.13 -8.06 3.92
CA HIS B 34 -12.31 -8.52 5.27
C HIS B 34 -11.20 -9.48 5.67
N ILE B 35 -10.56 -9.21 6.80
CA ILE B 35 -9.45 -10.02 7.24
C ILE B 35 -9.30 -9.92 8.75
N GLU B 36 -8.82 -11.00 9.36
CA GLU B 36 -8.61 -11.04 10.80
C GLU B 36 -7.15 -11.34 11.07
N ILE B 37 -6.44 -10.33 11.57
CA ILE B 37 -5.03 -10.46 11.83
C ILE B 37 -4.76 -10.38 13.32
N GLN B 38 -3.92 -11.27 13.82
CA GLN B 38 -3.48 -11.19 15.20
C GLN B 38 -1.99 -11.46 15.28
N MET B 39 -1.38 -10.98 16.35
CA MET B 39 0.02 -11.28 16.62
C MET B 39 0.08 -11.95 17.98
N LEU B 40 0.96 -12.93 18.11
CA LEU B 40 1.04 -13.75 19.31
C LEU B 40 2.42 -13.69 19.92
N LYS B 41 2.47 -13.63 21.24
CA LYS B 41 3.71 -13.72 21.98
C LYS B 41 3.69 -15.03 22.75
N ASN B 42 4.65 -15.90 22.46
CA ASN B 42 4.74 -17.21 23.10
C ASN B 42 3.46 -18.03 22.95
N GLY B 43 2.81 -17.91 21.79
CA GLY B 43 1.61 -18.68 21.50
C GLY B 43 0.33 -18.06 22.03
N LYS B 44 0.43 -16.86 22.57
CA LYS B 44 -0.73 -16.19 23.14
C LYS B 44 -1.01 -14.83 22.48
N LYS B 45 -2.25 -14.65 22.05
CA LYS B 45 -2.67 -13.42 21.39
C LYS B 45 -2.25 -12.17 22.16
N ILE B 46 -1.75 -11.18 21.43
CA ILE B 46 -1.35 -9.90 22.01
C ILE B 46 -2.52 -8.93 21.84
N PRO B 47 -3.05 -8.38 22.94
CA PRO B 47 -4.24 -7.51 22.86
C PRO B 47 -3.97 -6.14 22.25
N LYS B 48 -2.76 -5.64 22.47
CA LYS B 48 -2.38 -4.30 22.05
C LYS B 48 -1.76 -4.25 20.65
N VAL B 49 -2.57 -4.54 19.62
CA VAL B 49 -2.05 -4.57 18.25
C VAL B 49 -2.71 -3.52 17.36
N GLU B 50 -1.90 -2.55 16.93
CA GLU B 50 -2.40 -1.48 16.07
C GLU B 50 -2.48 -1.91 14.61
N MET B 51 -3.48 -1.39 13.91
CA MET B 51 -3.66 -1.69 12.49
C MET B 51 -3.58 -0.38 11.72
N SER B 52 -2.76 -0.34 10.68
CA SER B 52 -2.75 0.80 9.79
C SER B 52 -4.11 0.88 9.12
N ASP B 53 -4.33 1.93 8.34
CA ASP B 53 -5.49 1.99 7.48
C ASP B 53 -5.30 0.93 6.41
N MET B 54 -6.38 0.32 5.96
CA MET B 54 -6.27 -0.63 4.86
C MET B 54 -6.42 0.14 3.56
N SER B 55 -5.55 -0.15 2.60
CA SER B 55 -5.70 0.42 1.28
C SER B 55 -5.43 -0.67 0.25
N PHE B 56 -5.39 -0.29 -1.01
CA PHE B 56 -5.19 -1.28 -2.05
C PHE B 56 -4.20 -0.83 -3.12
N SER B 57 -3.70 -1.80 -3.87
CA SER B 57 -2.63 -1.55 -4.82
C SER B 57 -3.18 -1.40 -6.24
N LYS B 58 -2.28 -1.21 -7.18
CA LYS B 58 -2.63 -0.99 -8.58
C LYS B 58 -3.41 -2.18 -9.14
N ASP B 59 -3.25 -3.34 -8.52
CA ASP B 59 -3.95 -4.54 -8.97
C ASP B 59 -5.31 -4.74 -8.29
N TRP B 60 -5.70 -3.78 -7.45
CA TRP B 60 -6.94 -3.83 -6.67
C TRP B 60 -6.89 -4.71 -5.42
N SER B 61 -5.78 -5.40 -5.20
CA SER B 61 -5.65 -6.22 -4.00
C SER B 61 -5.34 -5.37 -2.78
N PHE B 62 -5.80 -5.81 -1.61
CA PHE B 62 -5.69 -5.03 -0.38
C PHE B 62 -4.41 -5.33 0.42
N TYR B 63 -4.02 -4.38 1.26
CA TYR B 63 -2.87 -4.57 2.13
C TYR B 63 -3.01 -3.75 3.41
N ILE B 64 -2.29 -4.17 4.44
CA ILE B 64 -2.41 -3.55 5.75
C ILE B 64 -1.19 -3.89 6.59
N LEU B 65 -0.85 -3.02 7.54
CA LEU B 65 0.29 -3.23 8.42
C LEU B 65 -0.17 -3.30 9.85
N ALA B 66 -0.03 -4.48 10.45
CA ALA B 66 -0.29 -4.66 11.87
C ALA B 66 1.03 -4.49 12.60
N HIS B 67 1.00 -3.83 13.75
CA HIS B 67 2.22 -3.66 14.52
C HIS B 67 1.96 -3.55 16.00
N THR B 68 2.99 -3.82 16.79
CA THR B 68 2.89 -3.81 18.24
C THR B 68 4.26 -3.55 18.86
N GLU B 69 4.27 -2.89 20.01
CA GLU B 69 5.51 -2.66 20.75
C GLU B 69 6.00 -3.96 21.35
N PHE B 70 7.32 -4.19 21.30
CA PHE B 70 7.88 -5.34 22.00
C PHE B 70 9.35 -5.16 22.34
N THR B 71 9.78 -5.80 23.41
CA THR B 71 11.19 -5.78 23.78
C THR B 71 11.72 -7.19 23.68
N PRO B 72 12.49 -7.46 22.62
CA PRO B 72 13.05 -8.78 22.35
C PRO B 72 13.82 -9.30 23.56
N THR B 73 13.54 -10.54 23.95
CA THR B 73 14.36 -11.22 24.94
C THR B 73 14.95 -12.46 24.28
N GLU B 74 15.81 -13.18 24.99
CA GLU B 74 16.45 -14.34 24.41
C GLU B 74 15.46 -15.48 24.21
N THR B 75 14.43 -15.53 25.05
CA THR B 75 13.48 -16.63 25.02
C THR B 75 12.11 -16.33 24.38
N ASP B 76 11.61 -15.10 24.54
CA ASP B 76 10.31 -14.72 23.98
C ASP B 76 10.25 -14.91 22.47
N THR B 77 9.22 -15.60 22.00
CA THR B 77 9.04 -15.81 20.56
C THR B 77 7.74 -15.15 20.08
N TYR B 78 7.66 -14.91 18.77
CA TYR B 78 6.55 -14.12 18.21
C TYR B 78 6.03 -14.67 16.88
N ALA B 79 4.73 -14.47 16.64
CA ALA B 79 4.13 -14.90 15.39
C ALA B 79 3.00 -13.98 14.95
N CYS B 80 2.64 -14.08 13.68
CA CYS B 80 1.48 -13.38 13.15
C CYS B 80 0.58 -14.42 12.52
N ARG B 81 -0.71 -14.40 12.87
CA ARG B 81 -1.65 -15.37 12.36
C ARG B 81 -2.79 -14.65 11.64
N VAL B 82 -3.11 -15.11 10.45
CA VAL B 82 -4.06 -14.41 9.59
C VAL B 82 -5.20 -15.32 9.15
N LYS B 83 -6.42 -14.87 9.38
CA LYS B 83 -7.61 -15.59 8.96
C LYS B 83 -8.25 -14.83 7.81
N HIS B 84 -8.52 -15.54 6.72
CA HIS B 84 -9.09 -14.92 5.52
C HIS B 84 -9.82 -15.97 4.69
N ASP B 85 -10.96 -15.58 4.12
CA ASP B 85 -11.83 -16.52 3.40
C ASP B 85 -11.14 -17.28 2.28
N SER B 86 -10.02 -16.74 1.79
CA SER B 86 -9.28 -17.39 0.72
C SER B 86 -8.57 -18.66 1.20
N MET B 87 -8.55 -18.87 2.51
CA MET B 87 -7.85 -19.99 3.11
C MET B 87 -8.78 -20.81 4.00
N ALA B 88 -8.67 -22.14 3.91
CA ALA B 88 -9.46 -23.03 4.74
C ALA B 88 -9.15 -22.82 6.22
N GLU B 89 -7.87 -22.77 6.54
CA GLU B 89 -7.41 -22.54 7.91
C GLU B 89 -6.55 -21.29 7.95
N PRO B 90 -6.46 -20.65 9.11
CA PRO B 90 -5.60 -19.47 9.26
C PRO B 90 -4.14 -19.82 8.98
N LYS B 91 -3.37 -18.84 8.54
CA LYS B 91 -1.98 -19.04 8.22
C LYS B 91 -1.11 -18.33 9.26
N THR B 92 -0.14 -19.03 9.81
CA THR B 92 0.75 -18.42 10.78
C THR B 92 2.17 -18.31 10.22
N VAL B 93 2.77 -17.14 10.41
CA VAL B 93 4.20 -16.95 10.13
C VAL B 93 4.90 -16.56 11.42
N TYR B 94 6.01 -17.22 11.70
CA TYR B 94 6.77 -16.96 12.92
C TYR B 94 7.90 -15.98 12.65
N TRP B 95 8.08 -15.02 13.57
CA TRP B 95 9.18 -14.08 13.47
C TRP B 95 10.50 -14.81 13.56
N ASP B 96 11.38 -14.51 12.62
CA ASP B 96 12.73 -15.06 12.57
C ASP B 96 13.68 -13.87 12.65
N ARG B 97 14.44 -13.80 13.75
CA ARG B 97 15.41 -12.72 13.96
C ARG B 97 16.33 -12.49 12.77
N ASP B 98 16.58 -13.53 11.99
CA ASP B 98 17.55 -13.46 10.91
C ASP B 98 16.98 -12.88 9.61
N MET B 99 15.68 -12.60 9.59
CA MET B 99 15.04 -12.12 8.38
C MET B 99 14.10 -10.97 8.66
N ILE C 1 -7.38 17.94 -3.56
CA ILE C 1 -8.82 17.87 -3.35
C ILE C 1 -9.43 16.81 -4.27
N PRO C 2 -10.26 15.92 -3.70
CA PRO C 2 -10.89 14.87 -4.50
C PRO C 2 -11.87 15.44 -5.53
N ALA C 3 -12.14 14.66 -6.57
CA ALA C 3 -13.16 15.03 -7.55
C ALA C 3 -14.54 14.83 -6.93
N TYR C 4 -15.53 15.51 -7.49
CA TYR C 4 -16.93 15.24 -7.12
C TYR C 4 -17.32 13.87 -7.67
N GLY C 5 -18.18 13.16 -6.95
CA GLY C 5 -18.56 11.81 -7.33
C GLY C 5 -19.01 11.65 -8.77
N VAL C 6 -18.52 10.60 -9.43
CA VAL C 6 -18.94 10.27 -10.80
C VAL C 6 -20.37 9.79 -10.82
N LEU C 7 -21.03 9.90 -11.98
CA LEU C 7 -22.39 9.39 -12.14
C LEU C 7 -22.49 7.96 -11.64
N THR C 8 -23.63 7.58 -11.08
CA THR C 8 -23.86 6.18 -10.68
C THR C 8 -23.75 5.25 -11.90
N ILE C 9 -23.41 3.98 -11.67
CA ILE C 9 -23.17 3.04 -12.78
C ILE C 9 -24.45 2.53 -13.44
#